data_7N39
#
_entry.id   7N39
#
_cell.length_a   49.146
_cell.length_b   76.629
_cell.length_c   94.655
_cell.angle_alpha   90.000
_cell.angle_beta   90.000
_cell.angle_gamma   90.000
#
_symmetry.space_group_name_H-M   'P 2 21 21'
#
loop_
_entity.id
_entity.type
_entity.pdbx_description
1 polymer 'Gamma-crystallin S'
2 non-polymer 'SULFATE ION'
3 water water
#
_entity_poly.entity_id   1
_entity_poly.type   'polypeptide(L)'
_entity_poly.pdbx_seq_one_letter_code
;GSKTGTKITFYEDKDFEGRRYDCDCDCADFHTYLSRCNSIKVEGGTWAVYERPDFAGYMYILPEGEYPEYQRWMGLNDRL
SSCRAVHLPSGGEYKIQIFEKGDFSGQMYETTEDCPSIMEEFHMREIHSCKVLEGVWIFYELPDYRGRQYLLDKKEYRKP
IDWGAASPAVQSFRRIVE
;
_entity_poly.pdbx_strand_id   A,B
#
loop_
_chem_comp.id
_chem_comp.type
_chem_comp.name
_chem_comp.formula
SO4 non-polymer 'SULFATE ION' 'O4 S -2'
#
# COMPACT_ATOMS: atom_id res chain seq x y z
N GLY A 5 12.75 4.58 18.70
CA GLY A 5 11.71 3.81 18.02
C GLY A 5 12.13 2.38 17.74
N THR A 6 12.23 2.04 16.46
CA THR A 6 12.62 0.71 16.03
C THR A 6 13.87 0.78 15.15
N LYS A 7 14.65 -0.30 15.15
CA LYS A 7 15.96 -0.30 14.50
C LYS A 7 16.38 -1.72 14.16
N ILE A 8 17.01 -1.90 12.99
CA ILE A 8 17.54 -3.19 12.56
C ILE A 8 18.98 -3.01 12.10
N THR A 9 19.85 -3.97 12.45
CA THR A 9 21.25 -3.92 12.06
C THR A 9 21.62 -5.19 11.31
N PHE A 10 22.13 -5.03 10.09
CA PHE A 10 22.57 -6.12 9.24
C PHE A 10 24.09 -6.24 9.29
N TYR A 11 24.60 -7.47 9.35
CA TYR A 11 26.03 -7.76 9.37
C TYR A 11 26.39 -8.70 8.24
N GLU A 12 27.54 -8.47 7.60
N GLU A 12 27.54 -8.46 7.59
CA GLU A 12 27.90 -9.28 6.44
CA GLU A 12 27.93 -9.28 6.45
C GLU A 12 28.35 -10.69 6.84
C GLU A 12 28.30 -10.70 6.86
N ASP A 13 28.86 -10.88 8.06
CA ASP A 13 29.30 -12.19 8.52
C ASP A 13 28.46 -12.68 9.68
N LYS A 14 28.60 -13.98 9.99
CA LYS A 14 27.90 -14.57 11.11
C LYS A 14 28.33 -13.92 12.43
N ASP A 15 27.47 -14.04 13.44
CA ASP A 15 27.85 -13.68 14.81
C ASP A 15 28.21 -12.21 14.96
N PHE A 16 27.55 -11.37 14.15
CA PHE A 16 27.61 -9.92 14.29
C PHE A 16 29.00 -9.38 14.02
N GLU A 17 29.70 -10.01 13.08
N GLU A 17 29.69 -10.00 13.06
CA GLU A 17 31.03 -9.61 12.66
CA GLU A 17 31.02 -9.60 12.65
C GLU A 17 30.99 -9.03 11.25
C GLU A 17 31.00 -9.05 11.24
N GLY A 18 32.06 -8.35 10.88
CA GLY A 18 32.17 -7.76 9.57
C GLY A 18 31.52 -6.41 9.49
N ARG A 19 31.46 -5.91 8.26
CA ARG A 19 30.83 -4.64 8.01
C ARG A 19 29.35 -4.74 8.38
N ARG A 20 28.79 -3.62 8.81
CA ARG A 20 27.40 -3.57 9.23
C ARG A 20 26.70 -2.38 8.60
N TYR A 21 25.36 -2.45 8.58
CA TYR A 21 24.51 -1.37 8.11
C TYR A 21 23.26 -1.32 8.98
N ASP A 22 22.86 -0.09 9.34
CA ASP A 22 21.77 0.15 10.28
C ASP A 22 20.63 0.89 9.60
N CYS A 23 19.41 0.52 9.95
N CYS A 23 19.41 0.63 10.06
CA CYS A 23 18.20 1.15 9.45
CA CYS A 23 18.21 1.12 9.41
C CYS A 23 17.28 1.46 10.62
C CYS A 23 17.13 1.34 10.46
N ASP A 24 16.51 2.53 10.47
CA ASP A 24 15.41 2.81 11.37
C ASP A 24 14.13 3.19 10.64
N CYS A 25 14.18 3.26 9.31
CA CYS A 25 13.03 3.49 8.45
C CYS A 25 13.09 2.47 7.32
N ASP A 26 12.12 2.51 6.42
CA ASP A 26 12.17 1.64 5.25
C ASP A 26 13.43 1.94 4.43
N CYS A 27 13.94 0.89 3.79
CA CYS A 27 15.12 1.01 2.92
C CYS A 27 14.90 0.13 1.71
N ALA A 28 14.74 0.74 0.54
CA ALA A 28 14.46 -0.02 -0.67
C ALA A 28 15.70 -0.69 -1.25
N ASP A 29 16.89 -0.33 -0.80
CA ASP A 29 18.11 -0.97 -1.30
C ASP A 29 19.29 -0.65 -0.39
N PHE A 30 19.85 -1.65 0.28
CA PHE A 30 21.09 -1.43 1.00
C PHE A 30 22.24 -2.23 0.40
N HIS A 31 22.07 -2.78 -0.81
CA HIS A 31 23.12 -3.53 -1.48
C HIS A 31 24.35 -2.67 -1.74
N THR A 32 24.16 -1.35 -1.82
CA THR A 32 25.25 -0.40 -1.93
C THR A 32 26.24 -0.53 -0.78
N TYR A 33 25.73 -0.86 0.40
CA TYR A 33 26.50 -0.81 1.64
C TYR A 33 26.93 -2.17 2.13
N LEU A 34 26.19 -3.21 1.80
CA LEU A 34 26.43 -4.58 2.25
C LEU A 34 26.09 -5.52 1.11
N SER A 35 27.04 -6.36 0.71
N SER A 35 27.02 -6.38 0.72
CA SER A 35 26.83 -7.28 -0.40
CA SER A 35 26.79 -7.26 -0.41
C SER A 35 26.06 -8.54 0.01
C SER A 35 26.15 -8.59 0.00
N ARG A 36 26.08 -8.87 1.30
CA ARG A 36 25.47 -10.08 1.82
C ARG A 36 25.09 -9.81 3.25
N CYS A 37 24.24 -10.68 3.81
CA CYS A 37 23.87 -10.55 5.22
C CYS A 37 23.82 -11.91 5.89
N ASN A 38 24.67 -12.10 6.92
CA ASN A 38 24.72 -13.37 7.65
C ASN A 38 24.34 -13.26 9.12
N SER A 39 24.08 -12.07 9.64
CA SER A 39 23.51 -11.98 10.99
C SER A 39 22.80 -10.63 11.09
N ILE A 40 21.79 -10.59 11.96
CA ILE A 40 20.93 -9.42 12.12
C ILE A 40 20.61 -9.21 13.59
N LYS A 41 20.58 -7.94 14.02
CA LYS A 41 20.04 -7.59 15.32
C LYS A 41 18.84 -6.67 15.14
N VAL A 42 17.71 -7.04 15.75
CA VAL A 42 16.47 -6.27 15.62
C VAL A 42 16.11 -5.71 16.99
N GLU A 43 15.81 -4.40 17.04
CA GLU A 43 15.50 -3.74 18.31
C GLU A 43 14.21 -2.93 18.17
N GLY A 44 13.30 -3.10 19.14
CA GLY A 44 12.19 -2.18 19.34
C GLY A 44 10.95 -2.43 18.50
N GLY A 45 10.98 -3.36 17.56
CA GLY A 45 9.85 -3.61 16.71
C GLY A 45 10.08 -4.83 15.86
N THR A 46 9.16 -5.06 14.92
CA THR A 46 9.22 -6.18 14.00
C THR A 46 9.52 -5.67 12.58
N TRP A 47 10.40 -6.38 11.87
CA TRP A 47 10.80 -5.97 10.54
C TRP A 47 10.53 -7.05 9.50
N ALA A 48 10.27 -6.61 8.27
CA ALA A 48 10.24 -7.47 7.11
C ALA A 48 11.51 -7.23 6.31
N VAL A 49 12.25 -8.29 6.02
CA VAL A 49 13.46 -8.15 5.21
C VAL A 49 13.27 -8.93 3.92
N TYR A 50 13.86 -8.41 2.83
CA TYR A 50 13.58 -8.88 1.49
C TYR A 50 14.87 -9.25 0.77
N GLU A 51 14.79 -10.32 -0.02
CA GLU A 51 15.92 -10.80 -0.80
C GLU A 51 16.44 -9.74 -1.78
N ARG A 52 15.54 -9.10 -2.51
N ARG A 52 15.55 -9.09 -2.49
CA ARG A 52 15.86 -8.18 -3.58
CA ARG A 52 15.94 -8.19 -3.57
C ARG A 52 15.58 -6.74 -3.18
C ARG A 52 15.54 -6.76 -3.24
N PRO A 53 16.12 -5.78 -3.92
CA PRO A 53 15.75 -4.38 -3.69
C PRO A 53 14.28 -4.14 -4.03
N ASP A 54 13.76 -3.02 -3.50
CA ASP A 54 12.37 -2.62 -3.69
C ASP A 54 11.41 -3.69 -3.20
N PHE A 55 11.80 -4.39 -2.14
CA PHE A 55 10.90 -5.26 -1.38
C PHE A 55 10.38 -6.42 -2.23
N ALA A 56 11.27 -7.00 -3.03
CA ALA A 56 10.93 -8.10 -3.91
C ALA A 56 11.69 -9.36 -3.52
N GLY A 57 11.31 -10.47 -4.15
CA GLY A 57 11.86 -11.76 -3.85
C GLY A 57 11.31 -12.33 -2.55
N TYR A 58 12.04 -13.29 -1.99
CA TYR A 58 11.63 -13.89 -0.73
C TYR A 58 11.62 -12.86 0.40
N MET A 59 10.64 -13.00 1.28
CA MET A 59 10.49 -12.13 2.44
C MET A 59 10.62 -12.93 3.73
N TYR A 60 11.24 -12.32 4.75
CA TYR A 60 11.38 -12.95 6.05
C TYR A 60 10.95 -11.95 7.12
N ILE A 61 10.10 -12.37 8.06
CA ILE A 61 9.71 -11.52 9.19
C ILE A 61 10.63 -11.79 10.38
N LEU A 62 11.16 -10.73 10.99
CA LEU A 62 12.04 -10.83 12.15
C LEU A 62 11.52 -9.98 13.30
N PRO A 63 10.98 -10.59 14.36
CA PRO A 63 10.69 -9.83 15.57
C PRO A 63 11.98 -9.45 16.30
N GLU A 64 11.82 -8.62 17.33
CA GLU A 64 12.95 -8.17 18.13
C GLU A 64 13.78 -9.37 18.58
N GLY A 65 15.10 -9.24 18.53
CA GLY A 65 15.98 -10.32 18.92
C GLY A 65 17.29 -10.28 18.15
N GLU A 66 18.15 -11.23 18.48
CA GLU A 66 19.45 -11.42 17.86
C GLU A 66 19.41 -12.66 16.97
N TYR A 67 19.93 -12.53 15.74
CA TYR A 67 19.93 -13.60 14.74
C TYR A 67 21.35 -13.82 14.25
N PRO A 68 22.10 -14.75 14.83
CA PRO A 68 23.53 -14.85 14.55
C PRO A 68 23.89 -15.62 13.29
N GLU A 69 22.90 -16.21 12.61
CA GLU A 69 23.08 -16.90 11.34
C GLU A 69 21.76 -16.80 10.59
N TYR A 70 21.83 -16.89 9.26
CA TYR A 70 20.61 -16.68 8.47
C TYR A 70 19.56 -17.75 8.73
N GLN A 71 19.97 -18.95 9.16
CA GLN A 71 18.98 -19.98 9.50
C GLN A 71 18.06 -19.52 10.63
N ARG A 72 18.53 -18.63 11.49
N ARG A 72 18.53 -18.64 11.51
CA ARG A 72 17.73 -18.20 12.64
CA ARG A 72 17.70 -18.23 12.63
C ARG A 72 16.56 -17.30 12.24
C ARG A 72 16.49 -17.41 12.19
N TRP A 73 16.53 -16.76 11.01
CA TRP A 73 15.32 -16.15 10.49
C TRP A 73 14.66 -16.99 9.40
N MET A 74 15.03 -18.27 9.33
N MET A 74 15.02 -18.27 9.31
CA MET A 74 14.55 -19.21 8.31
CA MET A 74 14.49 -19.18 8.29
C MET A 74 14.96 -18.76 6.90
C MET A 74 15.01 -18.84 6.90
N GLY A 75 16.08 -18.06 6.81
CA GLY A 75 16.59 -17.65 5.52
C GLY A 75 17.08 -18.84 4.71
N LEU A 76 17.03 -18.69 3.38
CA LEU A 76 17.54 -19.68 2.46
C LEU A 76 19.03 -19.53 2.21
N ASN A 77 19.58 -18.34 2.43
CA ASN A 77 20.95 -17.98 2.08
C ASN A 77 21.19 -16.61 2.67
N ASP A 78 22.33 -16.00 2.33
CA ASP A 78 22.69 -14.70 2.88
C ASP A 78 22.37 -13.55 1.92
N ARG A 79 21.39 -13.72 1.03
CA ARG A 79 21.06 -12.68 0.06
C ARG A 79 19.89 -11.83 0.58
N LEU A 80 20.18 -10.61 1.02
CA LEU A 80 19.16 -9.66 1.49
C LEU A 80 19.54 -8.27 1.05
N SER A 81 18.53 -7.45 0.64
CA SER A 81 18.89 -6.09 0.23
C SER A 81 17.83 -5.02 0.45
N SER A 82 16.65 -5.31 1.01
CA SER A 82 15.75 -4.23 1.41
C SER A 82 15.00 -4.64 2.67
N CYS A 83 14.35 -3.66 3.31
CA CYS A 83 13.66 -3.94 4.57
C CYS A 83 12.60 -2.88 4.84
N ARG A 84 11.54 -3.29 5.55
CA ARG A 84 10.50 -2.37 5.99
C ARG A 84 10.09 -2.71 7.42
N ALA A 85 9.90 -1.69 8.24
CA ALA A 85 9.41 -1.91 9.59
C ALA A 85 7.93 -2.25 9.52
N VAL A 86 7.49 -3.20 10.33
CA VAL A 86 6.09 -3.59 10.38
C VAL A 86 5.44 -2.77 11.48
N HIS A 87 4.54 -1.87 11.10
CA HIS A 87 3.86 -1.00 12.03
C HIS A 87 2.55 -1.62 12.46
N LEU A 88 2.40 -1.86 13.76
CA LEU A 88 1.17 -2.43 14.28
C LEU A 88 0.24 -1.32 14.77
N PRO A 89 -1.04 -1.35 14.41
CA PRO A 89 -1.96 -0.31 14.90
C PRO A 89 -2.05 -0.32 16.41
N SER A 90 -2.00 0.88 17.00
CA SER A 90 -1.92 1.01 18.45
C SER A 90 -3.16 0.42 19.12
N GLY A 91 -2.93 -0.50 20.06
CA GLY A 91 -4.02 -1.11 20.81
C GLY A 91 -4.96 -1.93 19.96
N GLY A 92 -4.52 -2.42 18.81
CA GLY A 92 -5.38 -3.16 17.92
C GLY A 92 -5.49 -4.64 18.26
N GLU A 93 -6.45 -5.30 17.59
CA GLU A 93 -6.66 -6.74 17.72
C GLU A 93 -6.63 -7.41 16.35
N TYR A 94 -7.07 -8.67 16.26
CA TYR A 94 -6.78 -9.50 15.09
C TYR A 94 -7.97 -10.36 14.69
N LYS A 95 -8.30 -10.34 13.40
CA LYS A 95 -9.41 -11.11 12.88
C LYS A 95 -9.22 -11.27 11.37
N ILE A 96 -9.36 -12.50 10.89
CA ILE A 96 -9.10 -12.80 9.48
C ILE A 96 -10.21 -13.70 8.97
N GLN A 97 -10.61 -13.49 7.71
CA GLN A 97 -11.51 -14.40 7.00
C GLN A 97 -10.75 -15.03 5.85
N ILE A 98 -10.75 -16.35 5.78
CA ILE A 98 -10.07 -17.07 4.70
C ILE A 98 -11.13 -17.76 3.85
N PHE A 99 -10.88 -17.84 2.54
CA PHE A 99 -11.87 -18.33 1.59
C PHE A 99 -11.30 -19.44 0.72
N GLU A 100 -12.15 -20.44 0.47
CA GLU A 100 -11.79 -21.59 -0.34
C GLU A 100 -11.62 -21.21 -1.82
N LYS A 101 -12.34 -20.19 -2.28
CA LYS A 101 -12.31 -19.82 -3.70
C LYS A 101 -11.99 -18.34 -3.86
N GLY A 102 -11.65 -17.97 -5.10
CA GLY A 102 -11.28 -16.59 -5.38
C GLY A 102 -12.43 -15.60 -5.21
N ASP A 103 -12.06 -14.33 -5.11
CA ASP A 103 -13.03 -13.22 -5.00
C ASP A 103 -14.01 -13.43 -3.87
N PHE A 104 -13.49 -13.90 -2.72
CA PHE A 104 -14.28 -14.03 -1.49
C PHE A 104 -15.47 -14.97 -1.67
N SER A 105 -15.19 -16.15 -2.20
CA SER A 105 -16.25 -17.09 -2.58
C SER A 105 -15.96 -18.46 -1.99
N GLY A 106 -16.93 -19.35 -2.10
CA GLY A 106 -16.75 -20.67 -1.52
C GLY A 106 -16.81 -20.64 0.00
N GLN A 107 -16.40 -21.77 0.59
CA GLN A 107 -16.38 -21.92 2.03
C GLN A 107 -15.49 -20.86 2.67
N MET A 108 -16.03 -20.18 3.68
N MET A 108 -16.01 -20.19 3.71
CA MET A 108 -15.30 -19.19 4.45
CA MET A 108 -15.28 -19.14 4.41
C MET A 108 -15.07 -19.72 5.85
C MET A 108 -15.15 -19.50 5.89
N TYR A 109 -13.94 -19.33 6.42
CA TYR A 109 -13.65 -19.50 7.85
C TYR A 109 -13.18 -18.18 8.41
N GLU A 110 -13.62 -17.84 9.61
CA GLU A 110 -13.21 -16.61 10.28
C GLU A 110 -12.56 -16.96 11.61
N THR A 111 -11.39 -16.37 11.89
CA THR A 111 -10.70 -16.72 13.14
C THR A 111 -9.94 -15.52 13.68
N THR A 112 -9.68 -15.56 15.01
CA THR A 112 -8.88 -14.57 15.70
C THR A 112 -7.60 -15.20 16.25
N GLU A 113 -7.35 -16.47 15.93
CA GLU A 113 -6.29 -17.27 16.54
C GLU A 113 -5.23 -17.67 15.52
N ASP A 114 -4.00 -17.87 16.00
CA ASP A 114 -2.95 -18.43 15.16
C ASP A 114 -3.33 -19.85 14.72
N CYS A 115 -2.87 -20.21 13.53
CA CYS A 115 -3.19 -21.50 12.93
C CYS A 115 -1.91 -22.18 12.46
N PRO A 116 -1.32 -23.07 13.26
CA PRO A 116 -0.10 -23.76 12.83
C PRO A 116 -0.35 -24.85 11.81
N SER A 117 -1.61 -25.26 11.61
CA SER A 117 -1.90 -26.24 10.56
C SER A 117 -3.29 -25.98 10.01
N ILE A 118 -3.37 -25.44 8.79
CA ILE A 118 -4.68 -25.20 8.17
C ILE A 118 -5.37 -26.52 7.90
N MET A 119 -4.62 -27.57 7.56
CA MET A 119 -5.25 -28.87 7.31
C MET A 119 -5.91 -29.43 8.57
N GLU A 120 -5.22 -29.37 9.71
CA GLU A 120 -5.81 -29.93 10.93
C GLU A 120 -7.01 -29.12 11.40
N GLU A 121 -6.99 -27.79 11.21
CA GLU A 121 -8.03 -26.95 11.81
C GLU A 121 -9.20 -26.69 10.86
N PHE A 122 -8.89 -26.45 9.59
CA PHE A 122 -9.88 -26.04 8.61
C PHE A 122 -9.98 -26.99 7.41
N HIS A 123 -9.20 -28.07 7.40
CA HIS A 123 -9.27 -29.12 6.39
C HIS A 123 -9.06 -28.59 4.98
N MET A 124 -8.13 -27.62 4.86
CA MET A 124 -7.69 -27.06 3.58
C MET A 124 -6.17 -26.99 3.56
N ARG A 125 -5.61 -27.00 2.35
N ARG A 125 -5.61 -27.01 2.35
CA ARG A 125 -4.20 -26.74 2.13
CA ARG A 125 -4.20 -26.75 2.12
C ARG A 125 -3.97 -25.57 1.18
C ARG A 125 -3.98 -25.56 1.19
N GLU A 126 -5.04 -24.88 0.79
CA GLU A 126 -4.93 -23.71 -0.07
C GLU A 126 -5.90 -22.64 0.43
N ILE A 127 -5.53 -21.40 0.22
CA ILE A 127 -6.40 -20.24 0.44
C ILE A 127 -6.40 -19.44 -0.85
N HIS A 128 -7.60 -19.20 -1.42
CA HIS A 128 -7.69 -18.50 -2.70
C HIS A 128 -8.08 -17.03 -2.59
N SER A 129 -8.57 -16.57 -1.43
CA SER A 129 -8.76 -15.15 -1.19
C SER A 129 -8.91 -14.97 0.31
N CYS A 130 -8.84 -13.72 0.76
N CYS A 130 -8.83 -13.72 0.76
CA CYS A 130 -8.76 -13.45 2.20
CA CYS A 130 -9.05 -13.50 2.18
C CYS A 130 -9.13 -12.00 2.50
C CYS A 130 -9.35 -12.04 2.42
N LYS A 131 -9.84 -11.77 3.62
CA LYS A 131 -10.02 -10.41 4.14
C LYS A 131 -9.38 -10.36 5.51
N VAL A 132 -8.47 -9.42 5.70
CA VAL A 132 -7.93 -9.14 7.03
C VAL A 132 -8.80 -8.04 7.64
N LEU A 133 -9.64 -8.43 8.59
CA LEU A 133 -10.57 -7.49 9.18
C LEU A 133 -9.90 -6.62 10.24
N GLU A 134 -8.96 -7.17 11.00
CA GLU A 134 -8.21 -6.42 12.00
C GLU A 134 -6.82 -7.03 12.09
N GLY A 135 -5.81 -6.17 12.26
CA GLY A 135 -4.49 -6.64 12.60
C GLY A 135 -3.60 -6.85 11.39
N VAL A 136 -2.48 -7.52 11.64
CA VAL A 136 -1.49 -7.86 10.63
C VAL A 136 -1.13 -9.33 10.82
N TRP A 137 -1.08 -10.08 9.71
CA TRP A 137 -0.88 -11.53 9.74
C TRP A 137 0.21 -11.93 8.77
N ILE A 138 0.76 -13.12 8.98
CA ILE A 138 1.70 -13.76 8.05
C ILE A 138 1.09 -15.07 7.57
N PHE A 139 1.11 -15.29 6.24
CA PHE A 139 0.81 -16.57 5.61
C PHE A 139 2.10 -17.33 5.36
N TYR A 140 2.07 -18.66 5.57
CA TYR A 140 3.23 -19.51 5.33
C TYR A 140 2.85 -20.63 4.37
N GLU A 141 3.77 -20.95 3.45
CA GLU A 141 3.50 -22.00 2.46
C GLU A 141 3.28 -23.35 3.14
N LEU A 142 4.00 -23.64 4.21
CA LEU A 142 4.00 -24.93 4.87
C LEU A 142 3.47 -24.86 6.30
N PRO A 143 3.11 -26.00 6.90
CA PRO A 143 2.65 -25.97 8.28
C PRO A 143 3.75 -25.57 9.25
N ASP A 144 3.33 -25.17 10.45
CA ASP A 144 4.21 -24.82 11.56
C ASP A 144 5.08 -23.62 11.22
N TYR A 145 4.57 -22.75 10.35
CA TYR A 145 5.17 -21.45 10.11
C TYR A 145 6.51 -21.62 9.39
N ARG A 146 6.50 -22.39 8.30
CA ARG A 146 7.69 -22.66 7.50
C ARG A 146 7.38 -22.37 6.02
N GLY A 147 8.44 -22.34 5.20
CA GLY A 147 8.27 -22.11 3.77
C GLY A 147 8.17 -20.63 3.45
N ARG A 148 7.72 -20.33 2.23
N ARG A 148 7.76 -20.35 2.21
N ARG A 148 7.72 -20.33 2.23
CA ARG A 148 7.61 -18.95 1.76
CA ARG A 148 7.48 -18.98 1.77
CA ARG A 148 7.61 -18.96 1.77
C ARG A 148 6.64 -18.16 2.62
C ARG A 148 6.68 -18.24 2.83
C ARG A 148 6.65 -18.16 2.63
N GLN A 149 7.11 -17.03 3.15
CA GLN A 149 6.34 -16.13 4.01
C GLN A 149 5.72 -15.02 3.18
N TYR A 150 4.48 -14.66 3.53
CA TYR A 150 3.78 -13.54 2.90
C TYR A 150 3.16 -12.66 3.96
N LEU A 151 3.24 -11.34 3.76
CA LEU A 151 2.80 -10.38 4.76
C LEU A 151 1.43 -9.84 4.39
N LEU A 152 0.48 -9.93 5.31
CA LEU A 152 -0.89 -9.47 5.05
C LEU A 152 -1.23 -8.33 6.01
N ASP A 153 -1.28 -7.11 5.47
N ASP A 153 -0.95 -7.11 5.53
CA ASP A 153 -1.85 -5.97 6.19
CA ASP A 153 -1.03 -5.88 6.32
C ASP A 153 -3.38 -6.05 6.21
C ASP A 153 -1.96 -4.86 5.69
N LYS A 154 -3.99 -5.20 7.04
N LYS A 154 -2.74 -5.26 4.69
N LYS A 154 -2.76 -5.30 4.94
CA LYS A 154 -5.45 -5.09 7.13
CA LYS A 154 -3.84 -4.43 4.20
CA LYS A 154 -3.76 -4.48 4.29
C LYS A 154 -6.00 -4.56 5.80
C LYS A 154 -5.15 -5.20 4.33
C LYS A 154 -5.00 -5.30 3.93
N LYS A 155 -6.49 -5.47 4.97
N LYS A 155 -6.20 -4.72 3.66
CA LYS A 155 -7.00 -5.13 3.66
CA LYS A 155 -7.58 -5.14 3.97
C LYS A 155 -7.64 -6.37 3.05
C LYS A 155 -8.04 -6.36 3.16
N GLU A 156 -8.16 -6.22 1.84
CA GLU A 156 -8.76 -7.29 1.05
C GLU A 156 -7.76 -7.88 0.06
N TYR A 157 -7.90 -9.17 -0.18
CA TYR A 157 -7.00 -9.95 -1.04
C TYR A 157 -7.85 -10.85 -1.91
N ARG A 158 -8.10 -10.43 -3.15
CA ARG A 158 -9.00 -11.18 -4.01
C ARG A 158 -8.38 -12.45 -4.55
N LYS A 159 -7.06 -12.50 -4.68
N LYS A 159 -7.05 -12.50 -4.65
CA LYS A 159 -6.35 -13.62 -5.28
CA LYS A 159 -6.33 -13.58 -5.29
C LYS A 159 -4.99 -13.75 -4.59
C LYS A 159 -4.98 -13.74 -4.60
N PRO A 160 -4.37 -14.92 -4.66
CA PRO A 160 -3.04 -15.08 -3.99
C PRO A 160 -1.97 -14.12 -4.46
N ILE A 161 -1.99 -13.67 -5.71
CA ILE A 161 -0.97 -12.71 -6.12
C ILE A 161 -1.06 -11.44 -5.29
N ASP A 162 -2.22 -11.16 -4.70
CA ASP A 162 -2.40 -9.94 -3.91
C ASP A 162 -1.63 -9.98 -2.59
N TRP A 163 -1.23 -11.16 -2.10
CA TRP A 163 -0.30 -11.25 -0.98
C TRP A 163 1.08 -11.70 -1.42
N GLY A 164 1.35 -11.68 -2.74
CA GLY A 164 2.68 -11.92 -3.25
C GLY A 164 2.96 -13.36 -3.65
N ALA A 165 1.94 -14.19 -3.76
CA ALA A 165 2.13 -15.62 -3.95
C ALA A 165 1.79 -16.01 -5.39
N ALA A 166 2.58 -16.93 -5.92
CA ALA A 166 2.36 -17.44 -7.28
C ALA A 166 1.46 -18.66 -7.30
N SER A 167 1.01 -19.13 -6.14
CA SER A 167 0.09 -20.26 -6.04
C SER A 167 -0.75 -20.06 -4.80
N PRO A 168 -1.87 -20.78 -4.67
CA PRO A 168 -2.71 -20.67 -3.47
C PRO A 168 -2.24 -21.49 -2.29
N ALA A 169 -1.06 -22.09 -2.35
CA ALA A 169 -0.59 -22.95 -1.26
C ALA A 169 -0.31 -22.11 -0.01
N VAL A 170 -1.13 -22.31 1.02
CA VAL A 170 -0.92 -21.76 2.36
C VAL A 170 -1.26 -22.87 3.35
N GLN A 171 -0.37 -23.11 4.32
CA GLN A 171 -0.63 -24.18 5.28
C GLN A 171 -0.50 -23.76 6.74
N SER A 172 -0.19 -22.50 7.02
CA SER A 172 -0.24 -22.00 8.39
C SER A 172 -0.28 -20.48 8.31
N PHE A 173 -0.73 -19.85 9.40
CA PHE A 173 -0.73 -18.40 9.43
C PHE A 173 -0.75 -17.96 10.89
N ARG A 174 -0.23 -16.77 11.16
CA ARG A 174 -0.29 -16.27 12.52
CA ARG A 174 -0.19 -16.27 12.53
C ARG A 174 -0.24 -14.74 12.54
N ARG A 175 -0.61 -14.19 13.70
CA ARG A 175 -0.63 -12.76 13.93
C ARG A 175 0.76 -12.22 14.20
N ILE A 176 1.02 -10.99 13.75
CA ILE A 176 2.19 -10.23 14.21
C ILE A 176 1.75 -9.41 15.42
N VAL A 177 2.27 -9.78 16.60
CA VAL A 177 1.86 -9.16 17.85
C VAL A 177 3.01 -8.33 18.40
N GLU A 178 2.69 -7.39 19.26
CA GLU A 178 3.71 -6.54 19.88
C GLU A 178 4.51 -7.31 20.92
N GLY B 5 -23.05 -0.51 -3.34
CA GLY B 5 -21.84 -1.07 -3.91
C GLY B 5 -21.10 -0.10 -4.81
N THR B 6 -19.79 -0.25 -4.89
CA THR B 6 -18.96 0.70 -5.64
C THR B 6 -18.94 0.35 -7.12
N LYS B 7 -19.12 1.37 -7.97
CA LYS B 7 -19.07 1.17 -9.42
C LYS B 7 -18.86 2.51 -10.11
N ILE B 8 -18.22 2.47 -11.27
CA ILE B 8 -17.95 3.65 -12.08
C ILE B 8 -18.28 3.31 -13.53
N THR B 9 -18.83 4.28 -14.27
CA THR B 9 -19.21 4.09 -15.66
C THR B 9 -18.58 5.20 -16.50
N PHE B 10 -17.81 4.82 -17.53
CA PHE B 10 -17.18 5.76 -18.44
C PHE B 10 -17.93 5.78 -19.77
N TYR B 11 -18.02 6.96 -20.40
CA TYR B 11 -18.74 7.14 -21.65
C TYR B 11 -17.83 7.81 -22.67
N GLU B 12 -17.91 7.37 -23.93
CA GLU B 12 -17.04 7.95 -24.95
C GLU B 12 -17.44 9.38 -25.32
N ASP B 13 -18.72 9.71 -25.21
CA ASP B 13 -19.23 11.03 -25.59
C ASP B 13 -19.74 11.78 -24.37
N LYS B 14 -19.95 13.09 -24.56
CA LYS B 14 -20.46 13.91 -23.48
C LYS B 14 -21.90 13.50 -23.14
N ASP B 15 -22.33 13.90 -21.94
CA ASP B 15 -23.71 13.74 -21.50
C ASP B 15 -24.14 12.28 -21.50
N PHE B 16 -23.20 11.38 -21.20
CA PHE B 16 -23.49 9.97 -20.97
C PHE B 16 -24.03 9.32 -22.24
N GLU B 17 -23.44 9.71 -23.37
CA GLU B 17 -23.73 9.20 -24.70
C GLU B 17 -22.59 8.36 -25.21
N GLY B 18 -22.90 7.52 -26.19
CA GLY B 18 -21.89 6.73 -26.86
C GLY B 18 -21.60 5.42 -26.16
N ARG B 19 -20.55 4.78 -26.66
CA ARG B 19 -20.01 3.55 -26.08
C ARG B 19 -19.66 3.79 -24.62
N ARG B 20 -19.89 2.79 -23.78
CA ARG B 20 -19.68 2.91 -22.34
CA ARG B 20 -19.70 2.91 -22.34
C ARG B 20 -18.98 1.68 -21.80
N TYR B 21 -18.42 1.83 -20.60
CA TYR B 21 -17.74 0.74 -19.92
C TYR B 21 -17.93 0.88 -18.41
N ASP B 22 -18.31 -0.22 -17.76
CA ASP B 22 -18.61 -0.28 -16.34
C ASP B 22 -17.53 -1.10 -15.63
N CYS B 23 -17.15 -0.69 -14.43
N CYS B 23 -17.15 -0.62 -14.44
CA CYS B 23 -16.33 -1.58 -13.64
CA CYS B 23 -16.22 -1.30 -13.54
C CYS B 23 -16.54 -1.31 -12.15
C CYS B 23 -16.81 -1.33 -12.14
N ASP B 24 -16.54 -2.39 -11.40
CA ASP B 24 -16.78 -2.39 -9.96
C ASP B 24 -15.51 -2.56 -9.14
N CYS B 25 -14.38 -2.83 -9.78
N CYS B 25 -14.40 -2.86 -9.83
CA CYS B 25 -13.12 -2.97 -9.07
CA CYS B 25 -13.11 -3.11 -9.21
C CYS B 25 -12.05 -2.22 -9.86
C CYS B 25 -12.03 -2.40 -10.02
N ASP B 26 -10.79 -2.50 -9.55
CA ASP B 26 -9.67 -1.86 -10.24
C ASP B 26 -9.56 -2.39 -11.65
N CYS B 27 -9.15 -1.51 -12.57
CA CYS B 27 -8.96 -1.85 -13.98
C CYS B 27 -7.70 -1.17 -14.46
N ALA B 28 -6.69 -1.96 -14.82
CA ALA B 28 -5.41 -1.40 -15.25
C ALA B 28 -5.44 -0.91 -16.70
N ASP B 29 -6.44 -1.26 -17.48
CA ASP B 29 -6.54 -0.75 -18.84
C ASP B 29 -7.92 -1.01 -19.41
N PHE B 30 -8.73 0.04 -19.60
CA PHE B 30 -9.99 -0.09 -20.33
C PHE B 30 -9.92 0.59 -21.69
N HIS B 31 -8.71 0.98 -22.14
CA HIS B 31 -8.58 1.55 -23.48
C HIS B 31 -9.05 0.57 -24.55
N THR B 32 -8.97 -0.72 -24.29
N THR B 32 -8.96 -0.73 -24.30
CA THR B 32 -9.45 -1.69 -25.27
CA THR B 32 -9.45 -1.65 -25.31
C THR B 32 -10.96 -1.62 -25.42
C THR B 32 -10.97 -1.66 -25.41
N TYR B 33 -11.67 -1.09 -24.43
CA TYR B 33 -13.13 -1.00 -24.48
C TYR B 33 -13.65 0.40 -24.80
N LEU B 34 -12.90 1.45 -24.47
CA LEU B 34 -13.32 2.82 -24.69
C LEU B 34 -12.15 3.59 -25.26
N SER B 35 -12.37 4.30 -26.36
CA SER B 35 -11.26 5.00 -27.03
C SER B 35 -10.97 6.34 -26.38
N ARG B 36 -11.92 6.89 -25.64
CA ARG B 36 -11.84 8.20 -25.03
C ARG B 36 -12.92 8.23 -23.96
N CYS B 37 -12.81 9.20 -23.04
CA CYS B 37 -13.82 9.35 -21.99
C CYS B 37 -14.26 10.80 -21.90
N ASN B 38 -15.50 11.08 -22.26
CA ASN B 38 -16.03 12.43 -22.17
C ASN B 38 -17.13 12.62 -21.14
N SER B 39 -17.56 11.56 -20.44
CA SER B 39 -18.44 11.73 -19.30
C SER B 39 -18.35 10.48 -18.41
N ILE B 40 -18.64 10.67 -17.12
CA ILE B 40 -18.49 9.60 -16.13
C ILE B 40 -19.65 9.70 -15.15
N LYS B 41 -20.17 8.54 -14.74
CA LYS B 41 -21.07 8.43 -13.60
C LYS B 41 -20.41 7.55 -12.55
N VAL B 42 -20.24 8.09 -11.34
CA VAL B 42 -19.75 7.34 -10.19
C VAL B 42 -20.95 7.04 -9.31
N GLU B 43 -21.40 5.79 -9.32
CA GLU B 43 -22.62 5.47 -8.59
C GLU B 43 -22.35 4.99 -7.16
N GLY B 44 -21.09 4.71 -6.83
CA GLY B 44 -20.74 4.33 -5.48
C GLY B 44 -19.25 4.38 -5.26
N GLY B 45 -18.83 4.98 -4.15
CA GLY B 45 -17.43 5.06 -3.79
C GLY B 45 -16.74 6.26 -4.40
N THR B 46 -15.46 6.38 -4.07
CA THR B 46 -14.60 7.38 -4.67
C THR B 46 -13.55 6.67 -5.51
N TRP B 47 -13.29 7.19 -6.71
CA TRP B 47 -12.38 6.55 -7.64
C TRP B 47 -11.25 7.48 -8.02
N ALA B 48 -10.08 6.89 -8.26
CA ALA B 48 -8.98 7.55 -8.95
C ALA B 48 -8.98 7.08 -10.39
N VAL B 49 -9.03 8.03 -11.33
CA VAL B 49 -8.97 7.71 -12.74
C VAL B 49 -7.68 8.29 -13.31
N TYR B 50 -7.11 7.57 -14.29
CA TYR B 50 -5.76 7.85 -14.76
C TYR B 50 -5.73 7.96 -16.27
N GLU B 51 -4.88 8.89 -16.74
CA GLU B 51 -4.72 9.14 -18.16
C GLU B 51 -4.25 7.90 -18.91
N ARG B 52 -3.23 7.21 -18.38
CA ARG B 52 -2.60 6.11 -19.07
C ARG B 52 -2.90 4.78 -18.42
N PRO B 53 -2.67 3.66 -19.11
CA PRO B 53 -2.84 2.35 -18.49
C PRO B 53 -1.91 2.15 -17.29
N ASP B 54 -2.25 1.15 -16.48
CA ASP B 54 -1.46 0.80 -15.30
C ASP B 54 -1.29 2.00 -14.36
N PHE B 55 -2.34 2.81 -14.25
CA PHE B 55 -2.43 3.87 -13.23
C PHE B 55 -1.29 4.88 -13.37
N ALA B 56 -0.95 5.24 -14.60
CA ALA B 56 0.13 6.18 -14.90
C ALA B 56 -0.43 7.45 -15.51
N GLY B 57 0.42 8.48 -15.54
CA GLY B 57 0.04 9.77 -16.09
C GLY B 57 -0.80 10.59 -15.13
N TYR B 58 -1.52 11.57 -15.68
CA TYR B 58 -2.37 12.46 -14.89
C TYR B 58 -3.46 11.68 -14.17
N MET B 59 -3.72 12.04 -12.91
N MET B 59 -3.72 12.04 -12.91
N MET B 59 -3.72 12.04 -12.91
CA MET B 59 -4.73 11.40 -12.08
CA MET B 59 -4.73 11.40 -12.08
CA MET B 59 -4.73 11.39 -12.09
C MET B 59 -5.83 12.40 -11.72
C MET B 59 -5.83 12.40 -11.72
C MET B 59 -5.82 12.39 -11.72
N TYR B 60 -7.06 11.90 -11.61
CA TYR B 60 -8.20 12.71 -11.19
C TYR B 60 -9.03 11.92 -10.18
N ILE B 61 -9.44 12.58 -9.10
CA ILE B 61 -10.25 11.94 -8.06
C ILE B 61 -11.72 12.30 -8.27
N LEU B 62 -12.59 11.30 -8.31
CA LEU B 62 -14.01 11.53 -8.54
C LEU B 62 -14.86 10.90 -7.45
N PRO B 63 -15.48 11.69 -6.60
CA PRO B 63 -16.46 11.14 -5.66
C PRO B 63 -17.75 10.80 -6.39
N GLU B 64 -18.65 10.15 -5.67
CA GLU B 64 -19.97 9.80 -6.19
C GLU B 64 -20.62 11.02 -6.84
N GLY B 65 -21.24 10.81 -8.00
CA GLY B 65 -21.85 11.91 -8.73
C GLY B 65 -21.86 11.64 -10.23
N GLU B 66 -22.44 12.60 -10.95
CA GLU B 66 -22.50 12.57 -12.41
C GLU B 66 -21.62 13.68 -12.96
N TYR B 67 -20.84 13.35 -13.99
CA TYR B 67 -19.86 14.25 -14.60
C TYR B 67 -20.10 14.24 -16.11
N PRO B 68 -20.93 15.16 -16.62
CA PRO B 68 -21.34 15.12 -18.03
C PRO B 68 -20.30 15.60 -19.03
N GLU B 69 -19.15 16.13 -18.59
CA GLU B 69 -18.05 16.53 -19.45
C GLU B 69 -16.78 16.49 -18.62
N TYR B 70 -15.63 16.35 -19.29
CA TYR B 70 -14.40 16.14 -18.53
C TYR B 70 -14.01 17.34 -17.68
N GLN B 71 -14.47 18.55 -18.03
CA GLN B 71 -14.19 19.70 -17.16
C GLN B 71 -14.82 19.54 -15.77
N ARG B 72 -15.82 18.65 -15.64
N ARG B 72 -15.83 18.66 -15.64
CA ARG B 72 -16.47 18.46 -14.35
CA ARG B 72 -16.47 18.46 -14.35
C ARG B 72 -15.59 17.71 -13.36
C ARG B 72 -15.60 17.69 -13.37
N TRP B 73 -14.58 16.98 -13.84
CA TRP B 73 -13.59 16.38 -12.95
C TRP B 73 -12.25 17.08 -13.06
N MET B 74 -12.24 18.33 -13.51
N MET B 74 -12.25 18.34 -13.50
CA MET B 74 -11.04 19.13 -13.71
CA MET B 74 -11.03 19.12 -13.70
C MET B 74 -10.13 18.54 -14.79
C MET B 74 -10.10 18.45 -14.71
N GLY B 75 -10.67 17.68 -15.64
CA GLY B 75 -9.86 17.07 -16.67
C GLY B 75 -9.39 18.07 -17.71
N LEU B 76 -8.25 17.77 -18.32
CA LEU B 76 -7.72 18.58 -19.40
C LEU B 76 -8.26 18.19 -20.76
N ASN B 77 -8.73 16.96 -20.91
CA ASN B 77 -9.12 16.38 -22.18
C ASN B 77 -9.82 15.07 -21.87
N ASP B 78 -10.10 14.29 -22.91
CA ASP B 78 -10.86 13.05 -22.77
C ASP B 78 -9.99 11.79 -22.76
N ARG B 79 -8.72 11.91 -22.39
CA ARG B 79 -7.80 10.76 -22.43
C ARG B 79 -7.74 10.11 -21.03
N LEU B 80 -8.44 8.99 -20.87
CA LEU B 80 -8.42 8.21 -19.64
C LEU B 80 -8.34 6.72 -19.98
N SER B 81 -7.58 5.96 -19.19
CA SER B 81 -7.33 4.55 -19.52
C SER B 81 -7.33 3.58 -18.35
N SER B 82 -7.27 4.02 -17.09
CA SER B 82 -7.28 3.08 -15.98
C SER B 82 -7.92 3.74 -14.77
N CYS B 83 -8.26 2.92 -13.78
CA CYS B 83 -8.95 3.45 -12.60
C CYS B 83 -8.78 2.49 -11.43
N ARG B 84 -8.84 3.06 -10.23
CA ARG B 84 -8.79 2.26 -9.02
C ARG B 84 -9.74 2.88 -8.01
N ALA B 85 -10.44 2.02 -7.26
CA ALA B 85 -11.28 2.49 -6.18
C ALA B 85 -10.41 2.92 -5.00
N VAL B 86 -10.80 4.01 -4.36
CA VAL B 86 -10.07 4.53 -3.20
C VAL B 86 -10.76 4.03 -1.95
N HIS B 87 -10.02 3.33 -1.10
N HIS B 87 -10.03 3.26 -1.15
CA HIS B 87 -10.58 2.78 0.14
CA HIS B 87 -10.52 2.82 0.15
C HIS B 87 -10.39 3.80 1.25
C HIS B 87 -10.37 3.97 1.14
N LEU B 88 -11.49 4.37 1.74
CA LEU B 88 -11.45 5.34 2.83
C LEU B 88 -11.48 4.58 4.15
N PRO B 89 -10.44 4.67 4.97
CA PRO B 89 -10.48 3.99 6.28
C PRO B 89 -11.65 4.48 7.11
N SER B 90 -12.29 3.56 7.82
CA SER B 90 -13.45 3.92 8.62
C SER B 90 -13.02 4.70 9.85
N GLY B 91 -13.89 5.61 10.29
CA GLY B 91 -13.66 6.40 11.49
C GLY B 91 -13.64 7.90 11.27
N GLY B 92 -13.46 8.36 10.03
CA GLY B 92 -13.52 9.78 9.77
C GLY B 92 -12.42 10.61 10.38
N GLU B 93 -11.32 9.97 10.79
CA GLU B 93 -10.17 10.68 11.35
C GLU B 93 -9.13 10.88 10.25
N TYR B 94 -8.57 12.08 10.22
CA TYR B 94 -7.57 12.44 9.22
C TYR B 94 -6.47 13.24 9.91
N LYS B 95 -5.22 12.89 9.65
CA LYS B 95 -4.13 13.67 10.20
C LYS B 95 -2.93 13.58 9.26
N ILE B 96 -2.30 14.72 8.98
CA ILE B 96 -1.14 14.77 8.11
C ILE B 96 -0.09 15.68 8.74
N GLN B 97 1.18 15.32 8.56
CA GLN B 97 2.29 16.20 8.90
C GLN B 97 3.04 16.53 7.62
N ILE B 98 3.25 17.81 7.37
CA ILE B 98 3.95 18.28 6.19
C ILE B 98 5.24 18.96 6.61
N PHE B 99 6.26 18.84 5.76
CA PHE B 99 7.60 19.30 6.07
C PHE B 99 8.14 20.21 4.97
N GLU B 100 8.82 21.26 5.38
CA GLU B 100 9.41 22.25 4.46
C GLU B 100 10.54 21.66 3.63
N LYS B 101 11.31 20.73 4.19
CA LYS B 101 12.48 20.17 3.50
C LYS B 101 12.32 18.66 3.38
N GLY B 102 13.16 18.08 2.51
CA GLY B 102 13.09 16.65 2.27
C GLY B 102 13.48 15.83 3.49
N ASP B 103 13.11 14.56 3.44
CA ASP B 103 13.46 13.59 4.48
C ASP B 103 12.96 14.02 5.85
N PHE B 104 11.76 14.59 5.90
CA PHE B 104 11.12 14.95 7.16
C PHE B 104 11.96 15.96 7.95
N SER B 105 12.40 17.00 7.25
CA SER B 105 13.30 18.00 7.82
C SER B 105 12.71 19.39 7.62
N GLY B 106 13.33 20.38 8.26
CA GLY B 106 12.80 21.73 8.25
C GLY B 106 11.56 21.84 9.13
N GLN B 107 10.85 22.94 8.96
CA GLN B 107 9.64 23.17 9.73
C GLN B 107 8.60 22.11 9.42
N MET B 108 7.91 21.65 10.45
CA MET B 108 6.83 20.69 10.30
C MET B 108 5.53 21.32 10.77
N TYR B 109 4.44 21.03 10.06
CA TYR B 109 3.10 21.44 10.46
C TYR B 109 2.17 20.24 10.44
N GLU B 110 1.31 20.18 11.43
CA GLU B 110 0.36 19.09 11.58
C GLU B 110 -1.04 19.66 11.44
N THR B 111 -1.89 19.00 10.67
CA THR B 111 -3.27 19.43 10.55
C THR B 111 -4.19 18.23 10.40
N THR B 112 -5.44 18.43 10.82
CA THR B 112 -6.48 17.44 10.64
C THR B 112 -7.53 17.95 9.66
N GLU B 113 -7.25 19.04 8.96
CA GLU B 113 -8.24 19.71 8.13
C GLU B 113 -7.65 20.07 6.78
N ASP B 114 -8.52 20.55 5.90
CA ASP B 114 -8.11 20.90 4.56
C ASP B 114 -7.32 22.20 4.57
N CYS B 115 -6.55 22.41 3.50
CA CYS B 115 -5.74 23.60 3.34
C CYS B 115 -5.83 24.12 1.91
N PRO B 116 -6.56 25.22 1.68
CA PRO B 116 -6.66 25.77 0.31
C PRO B 116 -5.44 26.55 -0.13
N SER B 117 -4.52 26.88 0.78
CA SER B 117 -3.31 27.60 0.40
C SER B 117 -2.27 27.38 1.49
N ILE B 118 -1.18 26.68 1.17
CA ILE B 118 -0.15 26.46 2.18
C ILE B 118 0.59 27.75 2.50
N MET B 119 0.64 28.69 1.56
CA MET B 119 1.26 29.98 1.85
C MET B 119 0.43 30.77 2.85
N GLU B 120 -0.88 30.84 2.63
CA GLU B 120 -1.72 31.63 3.53
C GLU B 120 -1.79 31.00 4.92
N GLU B 121 -1.77 29.67 5.01
CA GLU B 121 -1.97 29.01 6.30
C GLU B 121 -0.66 28.74 7.03
N PHE B 122 0.39 28.31 6.32
CA PHE B 122 1.63 27.90 6.94
C PHE B 122 2.83 28.72 6.51
N HIS B 123 2.65 29.74 5.68
CA HIS B 123 3.76 30.54 5.14
C HIS B 123 4.82 29.67 4.48
N MET B 124 4.41 28.54 3.91
N MET B 124 4.39 28.53 3.93
CA MET B 124 5.36 27.62 3.30
CA MET B 124 5.26 27.60 3.25
C MET B 124 5.31 27.73 1.79
C MET B 124 5.30 27.88 1.76
N ARG B 125 6.49 27.81 1.18
CA ARG B 125 6.60 27.87 -0.26
C ARG B 125 6.36 26.51 -0.89
N GLU B 126 6.90 25.44 -0.29
CA GLU B 126 6.83 24.11 -0.90
C GLU B 126 6.73 23.03 0.18
N ILE B 127 6.10 21.90 -0.18
CA ILE B 127 6.10 20.70 0.64
C ILE B 127 7.11 19.71 0.06
N HIS B 128 8.16 19.37 0.83
CA HIS B 128 9.17 18.46 0.32
C HIS B 128 9.11 17.06 0.92
N SER B 129 8.36 16.86 1.99
CA SER B 129 8.09 15.51 2.49
C SER B 129 6.85 15.59 3.36
N CYS B 130 6.28 14.43 3.67
CA CYS B 130 5.12 14.43 4.56
C CYS B 130 4.86 13.03 5.11
N LYS B 131 4.08 12.98 6.19
CA LYS B 131 3.63 11.74 6.80
C LYS B 131 2.12 11.82 6.90
N VAL B 132 1.42 10.85 6.29
CA VAL B 132 -0.03 10.75 6.45
C VAL B 132 -0.26 9.83 7.64
N LEU B 133 -0.64 10.42 8.79
CA LEU B 133 -0.84 9.62 9.98
C LEU B 133 -2.20 8.95 10.00
N GLU B 134 -3.22 9.61 9.45
CA GLU B 134 -4.57 9.04 9.40
C GLU B 134 -5.26 9.52 8.13
N GLY B 135 -6.02 8.62 7.51
CA GLY B 135 -6.92 8.95 6.42
C GLY B 135 -6.25 8.87 5.06
N VAL B 136 -6.89 9.51 4.10
N VAL B 136 -6.89 9.51 4.10
CA VAL B 136 -6.39 9.61 2.73
CA VAL B 136 -6.38 9.61 2.73
C VAL B 136 -6.56 11.05 2.26
C VAL B 136 -6.55 11.06 2.27
N TRP B 137 -5.55 11.57 1.57
CA TRP B 137 -5.49 12.98 1.20
C TRP B 137 -5.16 13.15 -0.28
N ILE B 138 -5.49 14.31 -0.82
CA ILE B 138 -5.11 14.72 -2.16
C ILE B 138 -4.22 15.95 -2.07
N PHE B 139 -3.07 15.92 -2.77
CA PHE B 139 -2.24 17.10 -2.98
C PHE B 139 -2.59 17.74 -4.33
N TYR B 140 -2.62 19.07 -4.36
CA TYR B 140 -2.94 19.82 -5.57
C TYR B 140 -1.79 20.78 -5.91
N GLU B 141 -1.49 20.89 -7.20
CA GLU B 141 -0.42 21.77 -7.68
C GLU B 141 -0.66 23.22 -7.29
N LEU B 142 -1.90 23.67 -7.38
CA LEU B 142 -2.27 25.07 -7.28
C LEU B 142 -3.16 25.30 -6.07
N PRO B 143 -3.23 26.53 -5.58
CA PRO B 143 -4.15 26.83 -4.47
C PRO B 143 -5.59 26.55 -4.85
N ASP B 144 -6.43 26.41 -3.83
CA ASP B 144 -7.86 26.23 -4.02
C ASP B 144 -8.17 24.95 -4.80
N TYR B 145 -7.33 23.94 -4.63
CA TYR B 145 -7.59 22.58 -5.09
C TYR B 145 -7.69 22.51 -6.61
N ARG B 146 -6.66 23.05 -7.28
CA ARG B 146 -6.60 23.13 -8.74
C ARG B 146 -5.27 22.57 -9.24
N GLY B 147 -5.22 22.24 -10.53
CA GLY B 147 -3.98 21.76 -11.13
C GLY B 147 -3.77 20.27 -10.93
N ARG B 148 -2.51 19.85 -11.09
CA ARG B 148 -2.17 18.43 -10.95
C ARG B 148 -2.61 17.89 -9.60
N GLN B 149 -3.18 16.68 -9.60
CA GLN B 149 -3.62 16.00 -8.39
C GLN B 149 -2.73 14.81 -8.10
N TYR B 150 -2.50 14.56 -6.81
CA TYR B 150 -1.71 13.42 -6.35
C TYR B 150 -2.40 12.76 -5.17
N LEU B 151 -2.39 11.43 -5.14
CA LEU B 151 -3.11 10.66 -4.14
C LEU B 151 -2.16 10.17 -3.06
N LEU B 152 -2.52 10.42 -1.79
CA LEU B 152 -1.65 10.07 -0.66
C LEU B 152 -2.44 9.27 0.37
N ASP B 153 -2.16 7.98 0.47
CA ASP B 153 -2.75 7.14 1.51
C ASP B 153 -1.88 7.16 2.78
N LYS B 154 -2.33 6.45 3.81
CA LYS B 154 -1.64 6.44 5.09
C LYS B 154 -0.29 5.75 4.96
N LYS B 155 0.78 6.55 4.97
CA LYS B 155 2.16 6.08 4.98
C LYS B 155 3.08 7.29 4.97
N GLU B 156 4.38 7.08 4.74
CA GLU B 156 5.36 8.14 4.77
C GLU B 156 5.84 8.46 3.36
N TYR B 157 6.29 9.70 3.16
CA TYR B 157 6.70 10.19 1.84
C TYR B 157 7.95 11.05 2.04
N ARG B 158 9.11 10.49 1.73
CA ARG B 158 10.36 11.21 1.97
C ARG B 158 10.62 12.29 0.94
N LYS B 159 10.07 12.16 -0.27
CA LYS B 159 10.35 13.07 -1.37
C LYS B 159 9.11 13.18 -2.24
N PRO B 160 8.95 14.28 -2.97
CA PRO B 160 7.75 14.46 -3.81
C PRO B 160 7.47 13.32 -4.77
N ILE B 161 8.50 12.66 -5.30
CA ILE B 161 8.25 11.57 -6.22
C ILE B 161 7.53 10.41 -5.54
N ASP B 162 7.58 10.32 -4.21
CA ASP B 162 6.86 9.26 -3.51
C ASP B 162 5.35 9.42 -3.60
N TRP B 163 4.85 10.63 -3.85
CA TRP B 163 3.43 10.80 -4.15
C TRP B 163 3.20 11.07 -5.64
N GLY B 164 4.22 10.82 -6.48
CA GLY B 164 4.07 10.85 -7.92
C GLY B 164 4.39 12.16 -8.60
N ALA B 165 5.00 13.10 -7.89
CA ALA B 165 5.26 14.43 -8.42
C ALA B 165 6.70 14.56 -8.91
N ALA B 166 6.87 15.17 -10.08
CA ALA B 166 8.21 15.39 -10.62
C ALA B 166 8.85 16.66 -10.07
N SER B 167 8.19 17.35 -9.14
CA SER B 167 8.67 18.61 -8.60
C SER B 167 7.93 18.88 -7.30
N PRO B 168 8.47 19.74 -6.43
CA PRO B 168 7.75 20.16 -5.21
C PRO B 168 6.75 21.28 -5.47
N ALA B 169 5.86 21.09 -6.43
CA ALA B 169 4.84 22.08 -6.76
C ALA B 169 3.51 21.58 -6.20
N VAL B 170 3.25 21.90 -4.93
CA VAL B 170 1.97 21.65 -4.30
C VAL B 170 1.60 22.88 -3.46
N GLN B 171 0.39 23.39 -3.66
N GLN B 171 0.39 23.39 -3.65
CA GLN B 171 -0.08 24.58 -2.96
CA GLN B 171 -0.04 24.57 -2.92
C GLN B 171 -1.27 24.34 -2.05
C GLN B 171 -1.38 24.44 -2.20
N SER B 172 -2.03 23.27 -2.26
CA SER B 172 -3.20 23.02 -1.42
C SER B 172 -3.37 21.51 -1.28
N PHE B 173 -4.19 21.11 -0.32
CA PHE B 173 -4.44 19.69 -0.07
C PHE B 173 -5.73 19.54 0.70
N ARG B 174 -6.36 18.38 0.58
N ARG B 174 -6.36 18.38 0.58
CA ARG B 174 -7.58 18.15 1.33
CA ARG B 174 -7.61 18.15 1.28
C ARG B 174 -7.79 16.66 1.54
C ARG B 174 -7.79 16.65 1.54
N ARG B 175 -8.66 16.35 2.49
CA ARG B 175 -9.02 14.99 2.83
C ARG B 175 -10.03 14.46 1.82
N ILE B 176 -9.96 13.15 1.56
CA ILE B 176 -10.98 12.50 0.75
C ILE B 176 -12.10 12.09 1.70
N VAL B 177 -13.25 12.74 1.57
CA VAL B 177 -14.42 12.46 2.41
C VAL B 177 -15.58 12.07 1.51
N GLU B 178 -16.40 11.14 2.00
CA GLU B 178 -17.57 10.69 1.23
C GLU B 178 -18.86 11.13 1.91
S SO4 C . 20.50 -20.77 -3.20
O1 SO4 C . 19.50 -20.05 -4.00
O2 SO4 C . 20.08 -20.80 -1.80
O3 SO4 C . 21.79 -20.09 -3.32
O4 SO4 C . 20.62 -22.14 -3.70
#